data_5MKW
#
_entry.id   5MKW
#
_cell.length_a   56.841
_cell.length_b   67.552
_cell.length_c   92.161
_cell.angle_alpha   90.00
_cell.angle_beta   90.00
_cell.angle_gamma   90.00
#
_symmetry.space_group_name_H-M   'P 21 21 21'
#
loop_
_entity.id
_entity.type
_entity.pdbx_description
1 polymer 'DNA annealing helicase and endonuclease ZRANB3'
2 non-polymer 'ZINC ION'
3 non-polymer GLYCEROL
4 water water
#
_entity_poly.entity_id   1
_entity_poly.type   'polypeptide(L)'
_entity_poly.pdbx_seq_one_letter_code
;SMSNNSYLRAKVFETEHGVCQLCNVNAQELFLRLRDAPKSQRKNLLYATWTSKLPLEQLNEMIRNPGEGHFWQVDHIKPV
YGGGGQCSLDNLQTLCTVCHKERTARQAKERSQVRRQSLASK
;
_entity_poly.pdbx_strand_id   A,B
#
loop_
_chem_comp.id
_chem_comp.type
_chem_comp.name
_chem_comp.formula
GOL non-polymer GLYCEROL 'C3 H8 O3'
ZN non-polymer 'ZINC ION' 'Zn 2'
#
# COMPACT_ATOMS: atom_id res chain seq x y z
N SER A 1 17.09 -7.39 7.01
CA SER A 1 15.76 -6.83 7.43
C SER A 1 14.92 -6.48 6.20
N MET A 2 13.62 -6.74 6.30
CA MET A 2 12.70 -6.47 5.22
C MET A 2 11.87 -5.24 5.51
N SER A 3 12.23 -4.47 6.55
CA SER A 3 11.36 -3.40 7.04
C SER A 3 11.24 -2.25 6.03
N ASN A 4 12.24 -2.13 5.14
CA ASN A 4 12.31 -1.05 4.18
C ASN A 4 11.54 -1.52 2.93
N ASN A 5 10.28 -1.89 3.12
CA ASN A 5 9.60 -2.76 2.18
C ASN A 5 9.21 -2.12 0.84
N SER A 6 8.69 -0.91 0.87
CA SER A 6 8.42 -0.12 -0.32
C SER A 6 9.61 -0.10 -1.24
N TYR A 7 10.78 0.24 -0.67
CA TYR A 7 11.98 0.37 -1.45
C TYR A 7 12.28 -0.97 -2.08
N LEU A 8 12.30 -2.01 -1.25
CA LEU A 8 12.67 -3.34 -1.72
C LEU A 8 11.72 -3.86 -2.81
N ARG A 9 10.41 -3.66 -2.62
CA ARG A 9 9.40 -4.08 -3.60
C ARG A 9 9.71 -3.44 -4.92
N ALA A 10 10.00 -2.16 -4.89
CA ALA A 10 10.18 -1.41 -6.15
C ALA A 10 11.46 -1.85 -6.83
N LYS A 11 12.48 -2.10 -6.05
CA LYS A 11 13.76 -2.58 -6.62
C LYS A 11 13.64 -3.95 -7.25
N VAL A 12 12.94 -4.87 -6.58
CA VAL A 12 12.77 -6.21 -7.15
C VAL A 12 11.86 -6.14 -8.40
N PHE A 13 10.87 -5.26 -8.37
CA PHE A 13 9.90 -5.15 -9.48
C PHE A 13 10.59 -4.68 -10.77
N GLU A 14 11.64 -3.86 -10.64
CA GLU A 14 12.40 -3.35 -11.81
C GLU A 14 12.85 -4.53 -12.66
N THR A 15 13.17 -5.65 -12.01
CA THR A 15 13.62 -6.83 -12.69
C THR A 15 12.52 -7.88 -12.89
N GLU A 16 11.58 -8.05 -11.96
CA GLU A 16 10.71 -9.23 -12.00
C GLU A 16 9.28 -8.91 -12.39
N HIS A 17 8.92 -7.62 -12.32
CA HIS A 17 7.62 -7.13 -12.75
C HIS A 17 6.45 -7.86 -12.12
N GLY A 18 6.58 -8.26 -10.86
CA GLY A 18 5.47 -8.87 -10.16
C GLY A 18 5.16 -10.28 -10.63
N VAL A 19 6.17 -10.97 -11.17
CA VAL A 19 6.05 -12.38 -11.61
C VAL A 19 6.64 -13.33 -10.59
N CYS A 20 5.84 -14.25 -10.10
CA CYS A 20 6.28 -15.12 -9.00
C CYS A 20 7.42 -16.01 -9.50
N GLN A 21 8.50 -16.06 -8.73
CA GLN A 21 9.69 -16.79 -9.18
C GLN A 21 9.61 -18.27 -8.90
N LEU A 22 8.59 -18.70 -8.14
CA LEU A 22 8.36 -20.13 -7.91
C LEU A 22 7.36 -20.75 -8.87
N CYS A 23 6.22 -20.09 -9.09
CA CYS A 23 5.16 -20.68 -9.89
C CYS A 23 4.86 -19.92 -11.19
N ASN A 24 5.49 -18.77 -11.35
CA ASN A 24 5.50 -17.96 -12.57
CA ASN A 24 5.47 -18.04 -12.63
C ASN A 24 4.15 -17.35 -12.96
N VAL A 25 3.26 -17.23 -12.00
CA VAL A 25 2.10 -16.42 -12.26
C VAL A 25 2.48 -14.95 -12.35
N ASN A 26 1.75 -14.24 -13.20
CA ASN A 26 1.98 -12.79 -13.29
C ASN A 26 1.03 -12.07 -12.35
N ALA A 27 1.49 -11.90 -11.11
CA ALA A 27 0.63 -11.48 -10.04
C ALA A 27 0.27 -10.02 -10.21
N GLN A 28 1.18 -9.24 -10.77
CA GLN A 28 0.89 -7.85 -11.03
C GLN A 28 -0.20 -7.63 -12.08
N GLU A 29 -0.20 -8.45 -13.12
CA GLU A 29 -1.22 -8.36 -14.16
C GLU A 29 -2.61 -8.67 -13.60
N LEU A 30 -2.69 -9.68 -12.72
CA LEU A 30 -3.97 -9.95 -12.03
C LEU A 30 -4.42 -8.78 -11.11
N PHE A 31 -3.50 -8.22 -10.35
CA PHE A 31 -3.78 -7.02 -9.54
C PHE A 31 -4.45 -5.93 -10.39
N LEU A 32 -3.84 -5.61 -11.53
CA LEU A 32 -4.35 -4.50 -12.34
C LEU A 32 -5.74 -4.82 -12.87
N ARG A 33 -5.95 -6.07 -13.28
CA ARG A 33 -7.25 -6.49 -13.77
CA ARG A 33 -7.26 -6.53 -13.76
C ARG A 33 -8.33 -6.38 -12.68
N LEU A 34 -7.99 -6.82 -11.47
CA LEU A 34 -8.91 -6.71 -10.36
C LEU A 34 -9.19 -5.28 -9.95
N ARG A 35 -8.16 -4.48 -9.88
CA ARG A 35 -8.30 -3.10 -9.48
C ARG A 35 -9.34 -2.42 -10.36
N ASP A 36 -9.25 -2.68 -11.66
CA ASP A 36 -10.03 -1.93 -12.59
C ASP A 36 -11.34 -2.58 -12.96
N ALA A 37 -11.57 -3.80 -12.49
CA ALA A 37 -12.88 -4.42 -12.58
C ALA A 37 -13.86 -3.82 -11.57
N PRO A 38 -15.14 -3.84 -11.92
CA PRO A 38 -16.17 -3.44 -10.95
C PRO A 38 -16.15 -4.38 -9.79
N LYS A 39 -16.41 -3.86 -8.61
CA LYS A 39 -16.44 -4.72 -7.41
C LYS A 39 -17.28 -5.98 -7.64
N SER A 40 -18.37 -5.85 -8.38
CA SER A 40 -19.32 -6.95 -8.55
C SER A 40 -18.75 -8.10 -9.40
N GLN A 41 -17.72 -7.84 -10.20
CA GLN A 41 -17.05 -8.93 -10.93
C GLN A 41 -15.85 -9.57 -10.21
N ARG A 42 -15.40 -8.98 -9.12
CA ARG A 42 -14.10 -9.39 -8.52
C ARG A 42 -14.09 -10.79 -7.92
N LYS A 43 -15.21 -11.16 -7.30
CA LYS A 43 -15.27 -12.44 -6.62
C LYS A 43 -15.03 -13.56 -7.65
N ASN A 44 -15.76 -13.53 -8.75
CA ASN A 44 -15.63 -14.62 -9.73
C ASN A 44 -14.26 -14.67 -10.38
N LEU A 45 -13.68 -13.50 -10.64
CA LEU A 45 -12.29 -13.46 -11.12
C LEU A 45 -11.34 -14.12 -10.13
N LEU A 46 -11.49 -13.80 -8.83
CA LEU A 46 -10.56 -14.31 -7.86
C LEU A 46 -10.69 -15.82 -7.71
N TYR A 47 -11.91 -16.34 -7.72
CA TYR A 47 -12.09 -17.78 -7.54
C TYR A 47 -11.85 -18.61 -8.80
N ALA A 48 -11.66 -17.94 -9.93
CA ALA A 48 -11.38 -18.61 -11.19
C ALA A 48 -9.91 -18.85 -11.41
N THR A 49 -9.04 -18.40 -10.51
CA THR A 49 -7.60 -18.54 -10.74
C THR A 49 -6.85 -18.83 -9.43
N TRP A 50 -5.53 -18.75 -9.46
CA TRP A 50 -4.63 -19.17 -8.36
C TRP A 50 -4.92 -18.48 -7.05
N THR A 51 -5.50 -17.28 -7.10
CA THR A 51 -5.96 -16.58 -5.88
C THR A 51 -7.06 -17.34 -5.06
N SER A 52 -7.72 -18.29 -5.69
CA SER A 52 -8.76 -19.06 -5.01
C SER A 52 -8.25 -19.79 -3.78
N LYS A 53 -6.93 -19.94 -3.70
CA LYS A 53 -6.32 -20.60 -2.58
C LYS A 53 -5.96 -19.68 -1.41
N LEU A 54 -6.20 -18.39 -1.53
CA LEU A 54 -5.93 -17.46 -0.45
C LEU A 54 -7.00 -17.57 0.64
N PRO A 55 -6.69 -17.12 1.87
CA PRO A 55 -7.73 -17.06 2.91
C PRO A 55 -8.93 -16.19 2.55
N LEU A 56 -10.11 -16.66 2.94
CA LEU A 56 -11.35 -15.95 2.74
C LEU A 56 -11.27 -14.51 3.22
N GLU A 57 -10.60 -14.30 4.33
CA GLU A 57 -10.44 -12.97 4.89
C GLU A 57 -9.73 -12.05 3.87
N GLN A 58 -8.71 -12.59 3.23
CA GLN A 58 -7.93 -11.77 2.30
C GLN A 58 -8.72 -11.54 1.04
N LEU A 59 -9.36 -12.60 0.56
CA LEU A 59 -10.22 -12.50 -0.62
C LEU A 59 -11.34 -11.48 -0.42
N ASN A 60 -11.93 -11.43 0.78
CA ASN A 60 -12.95 -10.42 1.04
C ASN A 60 -12.32 -9.00 0.93
N GLU A 61 -11.10 -8.83 1.40
CA GLU A 61 -10.45 -7.50 1.27
C GLU A 61 -10.17 -7.14 -0.18
N MET A 62 -9.75 -8.16 -0.92
CA MET A 62 -9.48 -8.01 -2.35
C MET A 62 -10.71 -7.66 -3.19
N ILE A 63 -11.89 -8.14 -2.79
CA ILE A 63 -13.12 -7.78 -3.49
C ILE A 63 -13.47 -6.31 -3.23
N ARG A 64 -13.23 -5.85 -1.99
CA ARG A 64 -13.58 -4.49 -1.61
CA ARG A 64 -13.58 -4.49 -1.61
C ARG A 64 -12.58 -3.52 -2.24
N ASN A 65 -11.30 -3.84 -2.11
CA ASN A 65 -10.26 -2.88 -2.42
C ASN A 65 -8.90 -3.53 -2.61
N PRO A 66 -8.67 -4.08 -3.80
CA PRO A 66 -7.44 -4.82 -3.94
C PRO A 66 -6.23 -3.87 -3.89
N GLY A 67 -5.17 -4.33 -3.25
CA GLY A 67 -3.82 -3.68 -3.31
C GLY A 67 -2.73 -4.62 -3.73
N GLU A 68 -1.59 -4.06 -4.20
CA GLU A 68 -0.56 -4.82 -4.83
CA GLU A 68 -0.55 -4.87 -4.86
C GLU A 68 -0.07 -5.93 -3.88
N GLY A 69 0.09 -5.58 -2.61
CA GLY A 69 0.49 -6.52 -1.59
C GLY A 69 -0.43 -7.72 -1.35
N HIS A 70 -1.68 -7.67 -1.83
CA HIS A 70 -2.54 -8.84 -1.81
C HIS A 70 -2.14 -9.88 -2.81
N PHE A 71 -1.41 -9.47 -3.84
CA PHE A 71 -1.10 -10.34 -4.97
C PHE A 71 0.35 -10.86 -4.97
N TRP A 72 1.32 -10.00 -4.61
CA TRP A 72 2.73 -10.43 -4.54
C TRP A 72 3.47 -9.74 -3.39
N GLN A 73 4.53 -10.39 -2.94
CA GLN A 73 5.37 -9.98 -1.83
C GLN A 73 6.84 -10.26 -2.24
N VAL A 74 7.78 -9.46 -1.72
CA VAL A 74 9.21 -9.78 -1.78
CA VAL A 74 9.19 -9.81 -1.80
C VAL A 74 9.58 -10.72 -0.64
N ASP A 75 10.39 -11.71 -0.92
CA ASP A 75 10.84 -12.61 0.14
C ASP A 75 12.24 -13.10 -0.18
N HIS A 76 12.81 -13.89 0.73
CA HIS A 76 14.18 -14.37 0.57
C HIS A 76 14.27 -15.47 -0.47
N ILE A 77 15.38 -15.51 -1.19
CA ILE A 77 15.67 -16.66 -2.03
C ILE A 77 16.22 -17.80 -1.20
N LYS A 78 17.18 -17.49 -0.32
CA LYS A 78 17.73 -18.45 0.65
C LYS A 78 17.35 -18.01 2.06
N PRO A 79 16.21 -18.55 2.54
CA PRO A 79 15.92 -18.27 3.94
C PRO A 79 16.67 -19.22 4.86
N VAL A 80 16.87 -18.74 6.07
CA VAL A 80 17.30 -19.57 7.16
C VAL A 80 16.14 -20.50 7.56
N TYR A 81 16.45 -21.68 8.09
CA TYR A 81 15.43 -22.54 8.74
C TYR A 81 14.60 -21.78 9.79
N GLY A 82 13.29 -21.70 9.60
CA GLY A 82 12.44 -20.95 10.52
C GLY A 82 12.24 -19.49 10.13
N GLY A 83 12.90 -19.05 9.07
CA GLY A 83 12.63 -17.72 8.51
C GLY A 83 13.75 -16.76 8.84
N GLY A 84 13.76 -15.64 8.14
CA GLY A 84 14.88 -14.72 8.15
C GLY A 84 15.94 -15.03 7.10
N GLY A 85 17.02 -14.29 7.17
CA GLY A 85 18.11 -14.41 6.20
C GLY A 85 18.57 -13.04 5.82
N GLN A 86 19.57 -13.01 4.94
CA GLN A 86 20.12 -11.77 4.41
CA GLN A 86 20.13 -11.77 4.42
C GLN A 86 19.08 -11.05 3.56
N CYS A 87 19.01 -9.72 3.71
CA CYS A 87 18.02 -8.94 2.96
C CYS A 87 18.62 -8.07 1.88
N SER A 88 19.85 -8.40 1.49
CA SER A 88 20.46 -7.83 0.28
C SER A 88 19.67 -8.24 -0.96
N LEU A 89 19.73 -7.37 -1.97
CA LEU A 89 18.86 -7.50 -3.13
C LEU A 89 19.12 -8.82 -3.87
N ASP A 90 20.36 -9.28 -3.83
CA ASP A 90 20.72 -10.53 -4.46
C ASP A 90 20.18 -11.77 -3.73
N ASN A 91 19.56 -11.57 -2.59
CA ASN A 91 18.85 -12.65 -1.90
C ASN A 91 17.32 -12.45 -1.86
N LEU A 92 16.80 -11.61 -2.74
CA LEU A 92 15.36 -11.34 -2.75
C LEU A 92 14.66 -11.75 -4.05
N GLN A 93 13.37 -12.08 -3.94
CA GLN A 93 12.60 -12.55 -5.05
C GLN A 93 11.14 -12.18 -4.82
N THR A 94 10.41 -12.11 -5.93
CA THR A 94 8.98 -11.95 -5.96
C THR A 94 8.33 -13.29 -5.80
N LEU A 95 7.39 -13.33 -4.88
CA LEU A 95 6.49 -14.47 -4.71
C LEU A 95 5.05 -13.97 -4.83
N CYS A 96 4.19 -14.74 -5.49
CA CYS A 96 2.77 -14.49 -5.36
C CYS A 96 2.37 -14.77 -3.89
N THR A 97 1.19 -14.28 -3.51
CA THR A 97 0.79 -14.38 -2.12
C THR A 97 0.44 -15.81 -1.69
N VAL A 98 0.08 -16.68 -2.62
CA VAL A 98 -0.18 -18.07 -2.31
C VAL A 98 1.15 -18.79 -2.00
N CYS A 99 2.15 -18.57 -2.83
CA CYS A 99 3.48 -19.11 -2.50
C CYS A 99 4.07 -18.50 -1.21
N HIS A 100 3.86 -17.23 -1.01
CA HIS A 100 4.38 -16.57 0.15
C HIS A 100 3.74 -17.17 1.43
N LYS A 101 2.43 -17.39 1.41
CA LYS A 101 1.74 -18.01 2.53
C LYS A 101 2.13 -19.47 2.82
N GLU A 102 2.35 -20.28 1.78
CA GLU A 102 2.94 -21.62 1.96
C GLU A 102 4.29 -21.53 2.64
N ARG A 103 5.13 -20.61 2.17
CA ARG A 103 6.43 -20.43 2.78
C ARG A 103 6.37 -19.99 4.25
N THR A 104 5.54 -19.00 4.53
CA THR A 104 5.32 -18.53 5.89
C THR A 104 4.81 -19.64 6.83
N ALA A 105 3.86 -20.42 6.36
CA ALA A 105 3.30 -21.53 7.11
C ALA A 105 4.32 -22.62 7.36
N ARG A 106 5.13 -22.92 6.36
CA ARG A 106 6.24 -23.87 6.52
C ARG A 106 7.28 -23.38 7.55
N GLN A 107 7.62 -22.10 7.49
CA GLN A 107 8.61 -21.57 8.40
C GLN A 107 8.14 -21.55 9.85
N ALA A 108 6.82 -21.36 10.05
CA ALA A 108 6.22 -21.48 11.40
C ALA A 108 6.27 -22.90 11.98
N LYS A 109 6.10 -23.90 11.13
CA LYS A 109 6.34 -25.27 11.54
C LYS A 109 7.80 -25.50 11.86
N GLU A 110 8.69 -24.98 11.01
CA GLU A 110 10.12 -25.11 11.24
C GLU A 110 10.52 -24.50 12.58
N ARG A 111 9.99 -23.32 12.89
CA ARG A 111 10.21 -22.71 14.20
C ARG A 111 9.72 -23.60 15.37
N SER A 112 8.55 -24.22 15.19
CA SER A 112 8.08 -25.34 16.03
C SER A 112 9.10 -26.46 16.18
N GLN A 113 9.53 -27.04 15.06
CA GLN A 113 10.56 -28.11 15.10
C GLN A 113 11.84 -27.67 15.84
N VAL A 114 12.27 -26.42 15.64
CA VAL A 114 13.43 -25.92 16.38
C VAL A 114 13.18 -25.83 17.88
N ARG A 115 12.02 -25.30 18.27
CA ARG A 115 11.72 -25.20 19.69
C ARG A 115 11.63 -26.58 20.37
N ARG A 116 11.03 -27.52 19.64
CA ARG A 116 10.87 -28.92 20.06
C ARG A 116 12.21 -29.59 20.28
N GLN A 117 13.09 -29.50 19.28
CA GLN A 117 14.35 -30.22 19.31
C GLN A 117 15.32 -29.64 20.36
N SER A 118 14.95 -28.54 21.02
CA SER A 118 15.79 -27.95 22.05
C SER A 118 15.15 -27.88 23.45
N LEU A 119 13.88 -28.26 23.58
CA LEU A 119 13.23 -28.30 24.89
C LEU A 119 13.99 -29.16 25.91
N SER B 1 -18.98 6.69 -1.82
CA SER B 1 -18.09 5.86 -0.96
C SER B 1 -16.64 5.87 -1.50
N MET B 2 -15.68 5.91 -0.60
CA MET B 2 -14.29 5.92 -1.00
C MET B 2 -13.67 4.55 -0.82
N SER B 3 -14.47 3.51 -0.55
CA SER B 3 -13.93 2.22 -0.17
C SER B 3 -13.03 1.61 -1.28
N ASN B 4 -13.34 1.93 -2.53
CA ASN B 4 -12.66 1.33 -3.68
C ASN B 4 -11.38 2.14 -3.92
N ASN B 5 -10.56 2.22 -2.89
CA ASN B 5 -9.56 3.27 -2.86
C ASN B 5 -8.40 3.13 -3.86
N SER B 6 -7.88 1.92 -4.01
CA SER B 6 -6.82 1.67 -5.01
C SER B 6 -7.21 2.13 -6.39
N TYR B 7 -8.41 1.72 -6.81
CA TYR B 7 -8.90 2.09 -8.11
C TYR B 7 -8.98 3.59 -8.22
N LEU B 8 -9.62 4.22 -7.24
CA LEU B 8 -9.81 5.67 -7.28
C LEU B 8 -8.48 6.44 -7.29
N ARG B 9 -7.54 6.06 -6.40
CA ARG B 9 -6.23 6.68 -6.35
C ARG B 9 -5.60 6.65 -7.73
N ALA B 10 -5.63 5.49 -8.38
CA ALA B 10 -4.92 5.29 -9.65
C ALA B 10 -5.59 6.12 -10.77
N LYS B 11 -6.93 6.10 -10.81
CA LYS B 11 -7.65 6.92 -11.76
C LYS B 11 -7.29 8.39 -11.59
N VAL B 12 -7.34 8.93 -10.39
CA VAL B 12 -7.10 10.35 -10.20
C VAL B 12 -5.65 10.69 -10.54
N PHE B 13 -4.76 9.75 -10.24
CA PHE B 13 -3.32 9.93 -10.47
C PHE B 13 -3.03 10.12 -11.96
N GLU B 14 -3.77 9.42 -12.80
CA GLU B 14 -3.57 9.50 -14.27
C GLU B 14 -3.57 10.99 -14.72
N THR B 15 -4.37 11.80 -14.05
CA THR B 15 -4.49 13.22 -14.36
C THR B 15 -3.71 14.11 -13.42
N GLU B 16 -3.53 13.73 -12.14
CA GLU B 16 -2.98 14.69 -11.18
C GLU B 16 -1.57 14.35 -10.68
N HIS B 17 -1.14 13.11 -10.92
CA HIS B 17 0.21 12.64 -10.64
C HIS B 17 0.66 12.90 -9.23
N GLY B 18 -0.27 12.76 -8.26
CA GLY B 18 0.15 12.93 -6.89
C GLY B 18 0.51 14.35 -6.51
N VAL B 19 0.00 15.33 -7.27
CA VAL B 19 0.14 16.74 -6.93
C VAL B 19 -1.06 17.25 -6.16
N CYS B 20 -0.81 17.94 -5.07
CA CYS B 20 -1.91 18.45 -4.27
C CYS B 20 -2.62 19.56 -5.00
N GLN B 21 -3.94 19.46 -5.09
CA GLN B 21 -4.69 20.44 -5.85
C GLN B 21 -5.01 21.69 -5.04
N LEU B 22 -4.73 21.69 -3.73
CA LEU B 22 -4.89 22.87 -2.89
C LEU B 22 -3.60 23.68 -2.78
N CYS B 23 -2.47 23.03 -2.49
CA CYS B 23 -1.24 23.78 -2.20
C CYS B 23 -0.17 23.57 -3.26
N ASN B 24 -0.43 22.64 -4.17
CA ASN B 24 0.41 22.32 -5.32
CA ASN B 24 0.45 22.43 -5.33
C ASN B 24 1.79 21.74 -5.00
N VAL B 25 1.96 21.21 -3.79
CA VAL B 25 3.13 20.35 -3.60
C VAL B 25 3.09 19.07 -4.46
N ASN B 26 4.25 18.66 -4.97
CA ASN B 26 4.33 17.37 -5.66
C ASN B 26 4.63 16.29 -4.60
N ALA B 27 3.56 15.71 -4.06
CA ALA B 27 3.66 14.79 -2.94
C ALA B 27 4.20 13.44 -3.41
N GLN B 28 3.92 13.07 -4.67
CA GLN B 28 4.47 11.84 -5.23
C GLN B 28 6.01 11.91 -5.40
N GLU B 29 6.50 13.07 -5.82
CA GLU B 29 7.93 13.22 -5.99
C GLU B 29 8.62 13.08 -4.64
N LEU B 30 8.03 13.63 -3.59
CA LEU B 30 8.64 13.52 -2.27
C LEU B 30 8.67 12.06 -1.82
N PHE B 31 7.58 11.34 -2.05
CA PHE B 31 7.51 9.90 -1.78
C PHE B 31 8.69 9.18 -2.46
N LEU B 32 8.91 9.44 -3.75
CA LEU B 32 9.97 8.71 -4.48
C LEU B 32 11.36 9.04 -3.93
N ARG B 33 11.56 10.29 -3.55
CA ARG B 33 12.80 10.71 -2.93
CA ARG B 33 12.81 10.73 -2.91
C ARG B 33 13.03 9.99 -1.60
N LEU B 34 12.00 9.99 -0.74
CA LEU B 34 12.09 9.29 0.52
C LEU B 34 12.30 7.79 0.36
N ARG B 35 11.55 7.17 -0.54
CA ARG B 35 11.64 5.75 -0.74
C ARG B 35 13.09 5.38 -1.04
N ASP B 36 13.72 6.13 -1.91
CA ASP B 36 14.98 5.70 -2.42
C ASP B 36 16.16 6.23 -1.62
N ALA B 37 15.90 7.13 -0.67
CA ALA B 37 16.92 7.57 0.29
C ALA B 37 17.20 6.49 1.34
N PRO B 38 18.44 6.45 1.88
CA PRO B 38 18.74 5.63 3.05
C PRO B 38 17.89 6.01 4.24
N LYS B 39 17.48 5.03 5.04
CA LYS B 39 16.66 5.33 6.22
CA LYS B 39 16.70 5.28 6.25
C LYS B 39 17.27 6.46 7.06
N SER B 40 18.59 6.49 7.13
CA SER B 40 19.31 7.46 7.97
C SER B 40 19.24 8.91 7.47
N GLN B 41 18.85 9.12 6.21
CA GLN B 41 18.57 10.46 5.71
C GLN B 41 17.12 10.91 5.67
N ARG B 42 16.18 10.03 6.03
CA ARG B 42 14.75 10.32 5.86
C ARG B 42 14.20 11.34 6.85
N LYS B 43 14.69 11.29 8.09
CA LYS B 43 14.20 12.20 9.10
C LYS B 43 14.44 13.69 8.74
N ASN B 44 15.67 14.02 8.40
CA ASN B 44 15.98 15.40 8.03
C ASN B 44 15.29 15.88 6.77
N LEU B 45 15.12 15.00 5.78
CA LEU B 45 14.27 15.31 4.61
C LEU B 45 12.83 15.62 4.99
N LEU B 46 12.25 14.81 5.86
CA LEU B 46 10.85 15.02 6.24
C LEU B 46 10.65 16.30 7.03
N TYR B 47 11.58 16.63 7.94
CA TYR B 47 11.40 17.86 8.73
C TYR B 47 11.82 19.12 7.98
N ALA B 48 12.53 18.98 6.88
CA ALA B 48 12.94 20.13 6.09
C ALA B 48 11.82 20.65 5.18
N THR B 49 10.70 19.94 5.05
CA THR B 49 9.69 20.37 4.06
C THR B 49 8.28 20.18 4.63
N TRP B 50 7.26 20.26 3.77
CA TRP B 50 5.85 20.43 4.21
C TRP B 50 5.37 19.30 5.11
N THR B 51 5.97 18.13 4.95
CA THR B 51 5.71 16.97 5.81
C THR B 51 6.00 17.23 7.32
N SER B 52 6.80 18.23 7.62
CA SER B 52 7.11 18.51 9.04
C SER B 52 5.88 18.72 9.90
N LYS B 53 4.79 19.09 9.26
CA LYS B 53 3.52 19.30 9.96
C LYS B 53 2.68 18.05 10.21
N LEU B 54 3.16 16.87 9.82
CA LEU B 54 2.42 15.63 10.04
C LEU B 54 2.62 15.14 11.47
N PRO B 55 1.70 14.28 11.98
CA PRO B 55 1.93 13.65 13.27
C PRO B 55 3.23 12.86 13.35
N LEU B 56 3.88 13.02 14.49
CA LEU B 56 5.09 12.26 14.81
C LEU B 56 5.01 10.79 14.47
N GLU B 57 3.92 10.15 14.92
CA GLU B 57 3.72 8.75 14.65
C GLU B 57 3.87 8.47 13.12
N GLN B 58 3.17 9.26 12.32
CA GLN B 58 3.17 9.06 10.87
C GLN B 58 4.58 9.28 10.27
N LEU B 59 5.26 10.29 10.77
CA LEU B 59 6.65 10.59 10.38
C LEU B 59 7.59 9.44 10.72
N ASN B 60 7.37 8.79 11.85
CA ASN B 60 8.19 7.66 12.17
C ASN B 60 7.91 6.46 11.26
N GLU B 61 6.67 6.27 10.85
CA GLU B 61 6.38 5.24 9.86
C GLU B 61 7.01 5.55 8.51
N MET B 62 6.97 6.82 8.15
CA MET B 62 7.61 7.28 6.92
C MET B 62 9.13 7.12 6.91
N ILE B 63 9.80 7.26 8.06
CA ILE B 63 11.22 7.02 8.17
C ILE B 63 11.53 5.51 7.96
N ARG B 64 10.72 4.67 8.58
CA ARG B 64 10.92 3.23 8.51
CA ARG B 64 10.91 3.22 8.51
C ARG B 64 10.61 2.69 7.12
N ASN B 65 9.50 3.13 6.56
CA ASN B 65 8.97 2.49 5.36
C ASN B 65 7.91 3.37 4.69
N PRO B 66 8.37 4.36 3.91
CA PRO B 66 7.36 5.25 3.32
C PRO B 66 6.50 4.53 2.27
N GLY B 67 5.22 4.87 2.26
CA GLY B 67 4.26 4.45 1.25
C GLY B 67 3.54 5.65 0.69
N GLU B 68 3.03 5.50 -0.53
CA GLU B 68 2.39 6.59 -1.23
C GLU B 68 1.27 7.26 -0.41
N GLY B 69 0.55 6.46 0.37
CA GLY B 69 -0.58 6.96 1.18
C GLY B 69 -0.13 7.84 2.35
N HIS B 70 1.14 7.79 2.72
CA HIS B 70 1.68 8.78 3.68
C HIS B 70 1.83 10.17 3.12
N PHE B 71 1.79 10.29 1.78
CA PHE B 71 2.10 11.54 1.12
C PHE B 71 0.90 12.22 0.45
N TRP B 72 0.05 11.44 -0.18
CA TRP B 72 -1.15 11.98 -0.80
C TRP B 72 -2.34 11.03 -0.69
N GLN B 73 -3.53 11.63 -0.80
CA GLN B 73 -4.81 10.96 -0.64
C GLN B 73 -5.77 11.57 -1.64
N VAL B 74 -6.74 10.78 -2.07
CA VAL B 74 -7.86 11.26 -2.85
CA VAL B 74 -7.84 11.31 -2.84
C VAL B 74 -8.96 11.68 -1.91
N ASP B 75 -9.58 12.81 -2.20
CA ASP B 75 -10.67 13.28 -1.39
C ASP B 75 -11.65 14.08 -2.25
N HIS B 76 -12.70 14.61 -1.62
CA HIS B 76 -13.80 15.25 -2.37
C HIS B 76 -13.39 16.65 -2.79
N ILE B 77 -13.86 17.08 -3.94
CA ILE B 77 -13.64 18.49 -4.32
C ILE B 77 -14.56 19.40 -3.51
N LYS B 78 -15.83 19.03 -3.45
CA LYS B 78 -16.81 19.82 -2.74
C LYS B 78 -17.18 19.07 -1.48
N PRO B 79 -16.40 19.25 -0.43
CA PRO B 79 -16.78 18.47 0.75
C PRO B 79 -18.07 19.02 1.32
N VAL B 80 -18.90 18.12 1.82
CA VAL B 80 -20.11 18.45 2.53
C VAL B 80 -19.81 18.63 4.02
N TYR B 81 -20.50 19.58 4.63
CA TYR B 81 -20.46 19.74 6.09
C TYR B 81 -20.70 18.43 6.86
N GLY B 82 -19.74 18.04 7.69
CA GLY B 82 -19.84 16.78 8.42
C GLY B 82 -19.20 15.58 7.76
N GLY B 83 -18.75 15.74 6.53
CA GLY B 83 -18.17 14.65 5.81
C GLY B 83 -19.16 14.03 4.84
N GLY B 84 -18.62 13.19 3.97
CA GLY B 84 -19.39 12.57 2.92
C GLY B 84 -19.38 13.38 1.65
N GLY B 85 -20.23 12.96 0.73
CA GLY B 85 -20.32 13.59 -0.57
C GLY B 85 -20.27 12.52 -1.62
N GLN B 86 -20.52 12.92 -2.85
CA GLN B 86 -20.47 12.02 -4.00
CA GLN B 86 -20.47 12.01 -4.01
C GLN B 86 -19.03 11.56 -4.23
N CYS B 87 -18.86 10.28 -4.54
CA CYS B 87 -17.53 9.71 -4.75
C CYS B 87 -17.25 9.35 -6.18
N SER B 88 -18.02 9.94 -7.10
CA SER B 88 -17.71 9.88 -8.50
C SER B 88 -16.40 10.62 -8.82
N LEU B 89 -15.76 10.17 -9.88
CA LEU B 89 -14.46 10.67 -10.28
C LEU B 89 -14.42 12.16 -10.54
N ASP B 90 -15.52 12.70 -11.04
CA ASP B 90 -15.59 14.13 -11.23
CA ASP B 90 -15.73 14.13 -11.21
C ASP B 90 -15.79 14.95 -9.93
N ASN B 91 -15.94 14.28 -8.78
CA ASN B 91 -15.89 15.00 -7.49
C ASN B 91 -14.64 14.70 -6.65
N LEU B 92 -13.58 14.21 -7.29
CA LEU B 92 -12.39 13.80 -6.56
C LEU B 92 -11.15 14.59 -6.91
N GLN B 93 -10.27 14.76 -5.93
CA GLN B 93 -9.04 15.50 -6.12
C GLN B 93 -7.98 14.95 -5.20
N THR B 94 -6.75 15.13 -5.65
CA THR B 94 -5.54 14.79 -4.89
C THR B 94 -5.25 15.88 -3.86
N LEU B 95 -5.08 15.44 -2.63
CA LEU B 95 -4.57 16.28 -1.54
C LEU B 95 -3.29 15.66 -0.98
N CYS B 96 -2.30 16.49 -0.66
CA CYS B 96 -1.19 16.06 0.19
C CYS B 96 -1.75 15.70 1.56
N THR B 97 -1.01 14.88 2.30
CA THR B 97 -1.49 14.42 3.59
C THR B 97 -1.66 15.50 4.66
N VAL B 98 -0.98 16.62 4.53
CA VAL B 98 -1.17 17.76 5.47
C VAL B 98 -2.48 18.49 5.18
N CYS B 99 -2.75 18.77 3.91
CA CYS B 99 -4.07 19.27 3.53
C CYS B 99 -5.21 18.28 3.84
N HIS B 100 -4.96 17.00 3.64
CA HIS B 100 -5.97 16.01 3.90
C HIS B 100 -6.30 15.94 5.39
N LYS B 101 -5.28 16.01 6.25
CA LYS B 101 -5.50 15.97 7.68
C LYS B 101 -6.24 17.19 8.22
N GLU B 102 -5.94 18.38 7.72
CA GLU B 102 -6.72 19.57 8.08
C GLU B 102 -8.21 19.35 7.73
N ARG B 103 -8.45 18.85 6.53
CA ARG B 103 -9.83 18.66 6.08
C ARG B 103 -10.51 17.61 6.98
N THR B 104 -9.82 16.50 7.23
CA THR B 104 -10.33 15.41 8.03
C THR B 104 -10.67 15.86 9.44
N ALA B 105 -9.78 16.65 10.04
CA ALA B 105 -9.98 17.18 11.36
C ALA B 105 -11.18 18.13 11.38
N ARG B 106 -11.28 18.97 10.35
CA ARG B 106 -12.36 19.92 10.31
C ARG B 106 -13.70 19.17 10.26
N GLN B 107 -13.77 18.15 9.43
CA GLN B 107 -15.01 17.49 9.18
C GLN B 107 -15.42 16.61 10.31
N ALA B 108 -14.44 16.07 11.03
CA ALA B 108 -14.72 15.29 12.24
C ALA B 108 -15.31 16.17 13.32
N LYS B 109 -14.84 17.41 13.43
CA LYS B 109 -15.38 18.35 14.38
C LYS B 109 -16.83 18.73 14.00
N GLU B 110 -17.03 18.99 12.72
CA GLU B 110 -18.35 19.23 12.20
C GLU B 110 -19.28 18.09 12.48
N ARG B 111 -18.83 16.85 12.17
CA ARG B 111 -19.70 15.69 12.33
CA ARG B 111 -19.71 15.69 12.33
C ARG B 111 -20.07 15.52 13.79
N SER B 112 -19.11 15.78 14.66
CA SER B 112 -19.34 15.69 16.08
C SER B 112 -20.46 16.65 16.55
N GLN B 113 -20.42 17.90 16.11
CA GLN B 113 -21.49 18.83 16.38
C GLN B 113 -22.84 18.39 15.81
N VAL B 114 -22.83 17.89 14.59
CA VAL B 114 -24.06 17.46 14.02
C VAL B 114 -24.64 16.29 14.82
N ARG B 115 -23.82 15.29 15.08
CA ARG B 115 -24.31 14.00 15.59
C ARG B 115 -24.58 13.98 17.09
N ARG B 116 -24.06 14.96 17.81
CA ARG B 116 -24.39 15.09 19.23
C ARG B 116 -25.73 15.79 19.35
N GLN B 117 -26.08 16.56 18.33
CA GLN B 117 -27.34 17.28 18.29
C GLN B 117 -28.46 16.48 18.92
ZN ZN C . 3.65 -18.34 -6.80
C1 GOL D . -13.55 0.03 -10.81
O1 GOL D . -13.53 -0.92 -9.75
C2 GOL D . -14.78 -0.16 -11.70
O2 GOL D . -15.94 0.28 -11.00
C3 GOL D . -14.65 0.62 -13.00
O3 GOL D . -14.99 -0.23 -14.11
C1 GOL E . 16.99 2.79 0.16
O1 GOL E . 16.18 3.32 1.22
C2 GOL E . 18.48 3.07 0.30
O2 GOL E . 19.07 2.19 1.26
C3 GOL E . 19.21 2.87 -1.05
O3 GOL E . 20.42 3.63 -1.10
ZN ZN F . -1.54 20.28 0.07
C1 GOL G . 0.21 4.77 -9.90
O1 GOL G . -1.21 4.94 -9.81
C2 GOL G . 0.90 5.73 -8.94
O2 GOL G . 0.77 5.23 -7.60
C3 GOL G . 2.37 5.92 -9.34
O3 GOL G . 3.24 5.15 -8.50
C1 GOL H . -0.72 4.16 4.08
O1 GOL H . -0.86 5.48 4.62
C2 GOL H . 0.42 4.12 3.08
O2 GOL H . 1.63 3.73 3.75
C3 GOL H . 0.14 3.12 1.94
O3 GOL H . 0.45 3.69 0.65
#